data_5DXB
#
_entry.id   5DXB
#
_cell.length_a   56.013
_cell.length_b   85.939
_cell.length_c   58.272
_cell.angle_alpha   90.00
_cell.angle_beta   108.41
_cell.angle_gamma   90.00
#
_symmetry.space_group_name_H-M   'P 1 21 1'
#
loop_
_entity.id
_entity.type
_entity.pdbx_description
1 polymer 'Estrogen receptor'
2 polymer 'Estrogen receptor'
3 polymer 'Nuclear receptor coactivator 2'
4 non-polymer ESTRADIOL
5 non-polymer GLYCEROL
6 non-polymer 'CHLORIDE ION'
7 water water
#
loop_
_entity_poly.entity_id
_entity_poly.type
_entity_poly.pdbx_seq_one_letter_code
_entity_poly.pdbx_strand_id
1 'polypeptide(L)'
;MDPMIKRSKKNSLALSLTADQMVSALLDAEPPILYSEYDPTRPFSEASMMGLLTNLADRELVHMINWAKRVPGFVDLTLH
DQVHLLECAWLEILMIGLVWRSMEHPGKLLFAPNLLLDRNQGKCVEGMVEIFDMLLATSSRFRMMNLQGEEFVCLKSIIL
LNSGVYTFLSSTLKSLEEKDHIHRVLDKITDTLIHLMAKAGLTLQQQHQRLAQLLLILSHIRHMSNKGMEHLYSMK
(SCH)KNVVPLSDLLLEMLDAHRLHAPTS
;
A
2 'polypeptide(L)'
;MDPMIKRSKKNSLALSLTADQMVSALLDAEPPILYSEYDPTRPFSEASMMGLLTNLADRELVHMINWAKRVPGFVDLTLH
DQVHLLECAWLEILMIGLVWRSMEHPGKLLFAPNLLLDRNQGKCVEGMVEIFDMLLATSSRFRMMNLQGEEFVCLKSIIL
LNSGVYTFLSSTLKSLEEKDHIHRVLDKITDTLIHLMAKAGLTLQQQHQRLAQLLLILSHIRHMSNKGMEHLYSMKCKNV
VPLSDLLLEMLDAHRLHAPTS
;
B
3 'polypeptide(L)' (ACE)HK(MK8)LHR(66D)LQDS(NH2) D,E
#
# COMPACT_ATOMS: atom_id res chain seq x y z
N ALA A 14 0.27 25.21 9.14
CA ALA A 14 -0.40 23.92 9.30
C ALA A 14 -0.29 23.33 10.71
N LEU A 15 0.89 23.35 11.31
CA LEU A 15 1.08 22.64 12.58
C LEU A 15 0.38 23.29 13.77
N SER A 16 -0.23 24.45 13.54
CA SER A 16 -0.92 25.19 14.59
C SER A 16 -2.40 24.83 14.70
N LEU A 17 -2.94 24.26 13.62
CA LEU A 17 -4.35 23.90 13.57
C LEU A 17 -4.76 22.95 14.70
N THR A 18 -5.86 23.22 15.38
CA THR A 18 -6.42 22.22 16.31
C THR A 18 -6.96 21.07 15.49
N ALA A 19 -7.47 20.05 16.18
CA ALA A 19 -8.03 18.89 15.49
C ALA A 19 -9.30 19.29 14.73
N ASP A 20 -10.15 20.08 15.39
CA ASP A 20 -11.42 20.48 14.80
C ASP A 20 -11.22 21.40 13.60
N GLN A 21 -10.14 22.17 13.62
CA GLN A 21 -9.85 23.09 12.52
C GLN A 21 -9.28 22.34 11.34
N MET A 22 -8.56 21.26 11.64
CA MET A 22 -8.08 20.36 10.60
C MET A 22 -9.27 19.73 9.90
N VAL A 23 -10.19 19.20 10.68
CA VAL A 23 -11.36 18.53 10.14
C VAL A 23 -12.19 19.49 9.29
N SER A 24 -12.41 20.70 9.80
CA SER A 24 -13.18 21.72 9.10
C SER A 24 -12.53 22.16 7.79
N ALA A 25 -11.23 22.43 7.84
CA ALA A 25 -10.49 22.77 6.63
C ALA A 25 -10.65 21.67 5.57
N LEU A 26 -10.47 20.42 5.98
CA LEU A 26 -10.53 19.29 5.06
C LEU A 26 -11.94 19.08 4.51
N LEU A 27 -12.96 19.25 5.35
CA LEU A 27 -14.34 19.17 4.89
C LEU A 27 -14.64 20.28 3.88
N ASP A 28 -14.23 21.51 4.21
CA ASP A 28 -14.43 22.66 3.32
C ASP A 28 -13.79 22.46 1.93
N ALA A 29 -12.71 21.70 1.89
CA ALA A 29 -11.90 21.60 0.67
C ALA A 29 -12.36 20.49 -0.26
N GLU A 30 -13.25 19.64 0.23
CA GLU A 30 -13.74 18.50 -0.54
C GLU A 30 -14.20 18.90 -1.94
N PRO A 31 -13.77 18.16 -2.97
CA PRO A 31 -14.22 18.48 -4.32
C PRO A 31 -15.63 17.97 -4.58
N PRO A 32 -16.28 18.46 -5.63
CA PRO A 32 -17.63 17.99 -5.95
C PRO A 32 -17.64 16.58 -6.52
N ILE A 33 -18.82 15.97 -6.55
CA ILE A 33 -19.01 14.73 -7.29
C ILE A 33 -19.38 15.10 -8.72
N LEU A 34 -18.61 14.62 -9.69
CA LEU A 34 -18.85 15.00 -11.07
C LEU A 34 -19.71 13.98 -11.81
N TYR A 35 -20.28 14.38 -12.94
CA TYR A 35 -21.07 13.49 -13.78
C TYR A 35 -20.25 12.96 -14.94
N SER A 36 -20.56 11.75 -15.38
CA SER A 36 -19.93 11.21 -16.57
C SER A 36 -20.74 11.60 -17.79
N GLU A 37 -20.18 11.33 -18.96
CA GLU A 37 -20.88 11.59 -20.20
C GLU A 37 -21.58 10.34 -20.71
N TYR A 38 -21.96 9.45 -19.80
CA TYR A 38 -22.61 8.18 -20.14
C TYR A 38 -23.75 8.39 -21.12
N ASP A 39 -23.72 7.65 -22.22
CA ASP A 39 -24.76 7.72 -23.24
C ASP A 39 -25.53 6.41 -23.26
N PRO A 40 -26.75 6.41 -22.72
CA PRO A 40 -27.51 5.17 -22.54
C PRO A 40 -28.26 4.72 -23.79
N THR A 41 -28.04 5.41 -24.91
CA THR A 41 -28.63 5.01 -26.18
C THR A 41 -27.92 3.79 -26.75
N ARG A 42 -26.70 3.55 -26.29
CA ARG A 42 -25.85 2.50 -26.84
C ARG A 42 -25.33 1.54 -25.77
N PRO A 43 -25.11 0.28 -26.15
CA PRO A 43 -24.45 -0.64 -25.22
C PRO A 43 -22.95 -0.33 -25.13
N PHE A 44 -22.31 -0.71 -24.04
CA PHE A 44 -20.89 -0.45 -23.85
C PHE A 44 -20.01 -1.27 -24.80
N SER A 45 -18.92 -0.66 -25.25
CA SER A 45 -17.81 -1.42 -25.78
C SER A 45 -16.61 -1.18 -24.85
N GLU A 46 -15.56 -1.96 -25.03
CA GLU A 46 -14.34 -1.74 -24.27
C GLU A 46 -13.85 -0.30 -24.43
N ALA A 47 -13.86 0.18 -25.67
CA ALA A 47 -13.38 1.52 -25.97
C ALA A 47 -14.28 2.61 -25.38
N SER A 48 -15.59 2.44 -25.48
CA SER A 48 -16.50 3.49 -25.02
C SER A 48 -16.52 3.56 -23.49
N MET A 49 -16.35 2.43 -22.82
N MET A 49 -16.33 2.42 -22.85
CA MET A 49 -16.32 2.41 -21.36
CA MET A 49 -16.31 2.35 -21.40
C MET A 49 -15.00 2.99 -20.85
C MET A 49 -15.01 2.96 -20.86
N MET A 50 -13.89 2.65 -21.51
CA MET A 50 -12.61 3.24 -21.14
C MET A 50 -12.61 4.75 -21.43
N GLY A 51 -13.31 5.14 -22.50
CA GLY A 51 -13.48 6.55 -22.82
C GLY A 51 -14.21 7.31 -21.71
N LEU A 52 -15.33 6.74 -21.27
CA LEU A 52 -16.11 7.34 -20.18
C LEU A 52 -15.28 7.47 -18.91
N LEU A 53 -14.60 6.39 -18.55
CA LEU A 53 -13.89 6.36 -17.27
C LEU A 53 -12.71 7.32 -17.28
N THR A 54 -12.00 7.41 -18.40
CA THR A 54 -10.84 8.30 -18.47
C THR A 54 -11.26 9.76 -18.65
N ASN A 55 -12.36 10.00 -19.36
CA ASN A 55 -12.91 11.35 -19.44
C ASN A 55 -13.28 11.85 -18.04
N LEU A 56 -13.92 10.97 -17.27
CA LEU A 56 -14.28 11.30 -15.90
C LEU A 56 -13.03 11.55 -15.05
N ALA A 57 -12.08 10.62 -15.11
CA ALA A 57 -10.84 10.74 -14.35
C ALA A 57 -10.14 12.06 -14.62
N ASP A 58 -10.08 12.43 -15.89
CA ASP A 58 -9.41 13.66 -16.29
C ASP A 58 -10.05 14.90 -15.66
N ARG A 59 -11.38 14.96 -15.66
CA ARG A 59 -12.04 16.12 -15.08
C ARG A 59 -11.94 16.12 -13.56
N GLU A 60 -12.01 14.94 -12.95
CA GLU A 60 -11.79 14.84 -11.50
C GLU A 60 -10.37 15.29 -11.12
N LEU A 61 -9.40 14.99 -11.95
CA LEU A 61 -8.00 15.35 -11.66
C LEU A 61 -7.84 16.85 -11.46
N VAL A 62 -8.52 17.65 -12.26
CA VAL A 62 -8.42 19.09 -12.14
C VAL A 62 -8.93 19.56 -10.77
N HIS A 63 -10.04 18.99 -10.31
CA HIS A 63 -10.53 19.32 -8.98
C HIS A 63 -9.61 18.80 -7.88
N MET A 64 -9.02 17.63 -8.10
CA MET A 64 -8.12 17.03 -7.11
C MET A 64 -6.91 17.93 -6.88
N ILE A 65 -6.39 18.45 -7.98
CA ILE A 65 -5.22 19.31 -7.94
C ILE A 65 -5.51 20.56 -7.11
N ASN A 66 -6.69 21.15 -7.27
CA ASN A 66 -7.05 22.33 -6.49
C ASN A 66 -7.39 21.99 -5.04
N TRP A 67 -7.94 20.80 -4.81
CA TRP A 67 -8.13 20.28 -3.46
C TRP A 67 -6.79 20.15 -2.76
N ALA A 68 -5.81 19.57 -3.45
CA ALA A 68 -4.50 19.32 -2.88
C ALA A 68 -3.90 20.61 -2.33
N LYS A 69 -4.11 21.71 -3.03
CA LYS A 69 -3.56 22.99 -2.62
C LYS A 69 -4.18 23.51 -1.32
N ARG A 70 -5.29 22.91 -0.92
CA ARG A 70 -5.97 23.33 0.30
C ARG A 70 -5.72 22.37 1.46
N VAL A 71 -5.02 21.27 1.19
CA VAL A 71 -4.62 20.35 2.25
C VAL A 71 -3.47 20.99 3.04
N PRO A 72 -3.63 21.13 4.36
CA PRO A 72 -2.63 21.83 5.18
C PRO A 72 -1.20 21.38 4.93
N GLY A 73 -0.32 22.35 4.67
CA GLY A 73 1.08 22.07 4.45
C GLY A 73 1.48 21.76 3.02
N PHE A 74 0.51 21.45 2.15
CA PHE A 74 0.82 21.07 0.78
C PHE A 74 1.41 22.22 -0.04
N VAL A 75 0.86 23.43 0.09
CA VAL A 75 1.39 24.54 -0.72
C VAL A 75 2.67 25.13 -0.14
N ASP A 76 3.09 24.64 1.03
CA ASP A 76 4.39 25.01 1.59
C ASP A 76 5.52 24.39 0.79
N LEU A 77 5.20 23.30 0.10
CA LEU A 77 6.21 22.51 -0.60
C LEU A 77 6.61 23.18 -1.90
N THR A 78 7.81 22.85 -2.38
CA THR A 78 8.25 23.32 -3.68
C THR A 78 7.32 22.77 -4.76
N LEU A 79 7.31 23.41 -5.92
CA LEU A 79 6.45 22.95 -7.00
C LEU A 79 6.82 21.53 -7.44
N HIS A 80 8.11 21.22 -7.41
CA HIS A 80 8.58 19.88 -7.77
C HIS A 80 8.01 18.83 -6.82
N ASP A 81 8.03 19.12 -5.53
CA ASP A 81 7.51 18.19 -4.52
C ASP A 81 6.00 18.03 -4.61
N GLN A 82 5.29 19.12 -4.90
CA GLN A 82 3.85 19.05 -5.12
C GLN A 82 3.52 18.17 -6.30
N VAL A 83 4.23 18.40 -7.41
CA VAL A 83 4.09 17.59 -8.60
C VAL A 83 4.33 16.12 -8.29
N HIS A 84 5.41 15.84 -7.56
CA HIS A 84 5.77 14.48 -7.22
C HIS A 84 4.68 13.76 -6.41
N LEU A 85 4.17 14.41 -5.37
CA LEU A 85 3.13 13.82 -4.54
C LEU A 85 1.87 13.50 -5.32
N LEU A 86 1.44 14.43 -6.17
CA LEU A 86 0.24 14.23 -6.97
C LEU A 86 0.44 13.11 -8.00
N GLU A 87 1.61 13.06 -8.62
CA GLU A 87 1.92 12.00 -9.57
C GLU A 87 1.90 10.63 -8.88
N CYS A 88 2.34 10.57 -7.62
CA CYS A 88 2.36 9.29 -6.91
C CYS A 88 0.97 8.89 -6.43
N ALA A 89 0.15 9.87 -6.05
CA ALA A 89 -1.08 9.57 -5.33
C ALA A 89 -2.37 9.62 -6.14
N TRP A 90 -2.34 10.18 -7.35
CA TRP A 90 -3.59 10.57 -8.02
C TRP A 90 -4.60 9.45 -8.20
N LEU A 91 -4.14 8.25 -8.55
CA LEU A 91 -5.08 7.17 -8.79
C LEU A 91 -5.58 6.57 -7.47
N GLU A 92 -4.72 6.56 -6.45
CA GLU A 92 -5.15 6.17 -5.11
C GLU A 92 -6.27 7.08 -4.62
N ILE A 93 -6.12 8.36 -4.89
CA ILE A 93 -7.10 9.34 -4.44
C ILE A 93 -8.42 9.21 -5.22
N LEU A 94 -8.34 8.98 -6.53
CA LEU A 94 -9.55 8.75 -7.33
C LEU A 94 -10.29 7.51 -6.82
N MET A 95 -9.54 6.46 -6.52
CA MET A 95 -10.10 5.20 -6.06
C MET A 95 -10.74 5.26 -4.67
N ILE A 96 -10.08 5.92 -3.72
CA ILE A 96 -10.67 5.97 -2.37
C ILE A 96 -11.94 6.81 -2.43
N GLY A 97 -11.98 7.81 -3.29
CA GLY A 97 -13.19 8.59 -3.49
C GLY A 97 -14.32 7.75 -4.06
N LEU A 98 -14.01 7.00 -5.11
CA LEU A 98 -14.96 6.07 -5.71
C LEU A 98 -15.52 5.10 -4.68
N VAL A 99 -14.63 4.52 -3.90
N VAL A 99 -14.62 4.55 -3.87
CA VAL A 99 -15.03 3.54 -2.90
CA VAL A 99 -15.02 3.54 -2.90
C VAL A 99 -15.90 4.17 -1.82
C VAL A 99 -15.89 4.17 -1.83
N TRP A 100 -15.58 5.40 -1.44
CA TRP A 100 -16.41 6.15 -0.49
C TRP A 100 -17.80 6.43 -1.09
N ARG A 101 -17.82 6.95 -2.34
CA ARG A 101 -19.08 7.16 -3.08
C ARG A 101 -19.94 5.93 -3.19
N SER A 102 -19.29 4.76 -3.19
CA SER A 102 -19.97 3.53 -3.54
C SER A 102 -20.45 2.78 -2.31
N MET A 103 -20.10 3.29 -1.13
CA MET A 103 -20.39 2.61 0.13
C MET A 103 -21.85 2.21 0.32
N GLU A 104 -22.77 3.09 -0.04
CA GLU A 104 -24.18 2.79 0.21
C GLU A 104 -24.83 2.18 -1.01
N HIS A 105 -24.02 1.62 -1.90
CA HIS A 105 -24.51 0.90 -3.07
C HIS A 105 -23.84 -0.46 -3.18
N PRO A 106 -24.23 -1.42 -2.30
CA PRO A 106 -23.60 -2.74 -2.30
C PRO A 106 -23.60 -3.42 -3.67
N GLY A 107 -22.45 -3.94 -4.08
CA GLY A 107 -22.34 -4.64 -5.34
C GLY A 107 -22.16 -3.75 -6.56
N LYS A 108 -22.04 -2.45 -6.33
CA LYS A 108 -21.92 -1.51 -7.43
C LYS A 108 -20.86 -0.44 -7.17
N LEU A 109 -20.30 0.08 -8.24
CA LEU A 109 -19.35 1.19 -8.17
C LEU A 109 -19.99 2.46 -8.71
N LEU A 110 -20.14 3.46 -7.86
CA LEU A 110 -20.73 4.73 -8.26
C LEU A 110 -19.64 5.63 -8.81
N PHE A 111 -19.27 5.42 -10.08
CA PHE A 111 -18.25 6.26 -10.70
C PHE A 111 -18.77 7.68 -10.79
N ALA A 112 -20.07 7.80 -11.05
CA ALA A 112 -20.76 9.08 -11.05
C ALA A 112 -22.24 8.81 -10.82
N PRO A 113 -23.03 9.84 -10.49
CA PRO A 113 -24.43 9.56 -10.20
C PRO A 113 -25.20 9.00 -11.39
N ASN A 114 -24.70 9.26 -12.60
CA ASN A 114 -25.31 8.70 -13.81
C ASN A 114 -24.48 7.55 -14.38
N LEU A 115 -23.54 7.03 -13.59
CA LEU A 115 -22.71 5.92 -14.03
C LEU A 115 -22.43 4.98 -12.87
N LEU A 116 -23.40 4.11 -12.62
CA LEU A 116 -23.37 3.13 -11.54
C LEU A 116 -23.13 1.75 -12.15
N LEU A 117 -22.02 1.10 -11.80
CA LEU A 117 -21.68 -0.16 -12.45
C LEU A 117 -21.46 -1.34 -11.51
N ASP A 118 -21.95 -2.50 -11.94
CA ASP A 118 -21.77 -3.78 -11.26
C ASP A 118 -20.59 -4.51 -11.90
N ARG A 119 -20.13 -5.62 -11.31
CA ARG A 119 -18.90 -6.25 -11.80
C ARG A 119 -19.10 -6.82 -13.19
N ASN A 120 -20.33 -7.25 -13.46
CA ASN A 120 -20.65 -7.77 -14.78
C ASN A 120 -20.38 -6.78 -15.88
N GLN A 121 -20.66 -5.50 -15.61
CA GLN A 121 -20.42 -4.46 -16.60
C GLN A 121 -18.93 -4.20 -16.74
N GLY A 122 -18.20 -4.41 -15.64
CA GLY A 122 -16.76 -4.28 -15.66
C GLY A 122 -16.12 -5.25 -16.64
N LYS A 123 -16.86 -6.30 -17.00
CA LYS A 123 -16.34 -7.35 -17.87
C LYS A 123 -16.16 -6.93 -19.33
N CYS A 124 -16.78 -5.85 -19.75
CA CYS A 124 -16.62 -5.47 -21.15
C CYS A 124 -15.23 -4.87 -21.42
N VAL A 125 -14.48 -4.61 -20.36
CA VAL A 125 -13.10 -4.15 -20.51
C VAL A 125 -12.12 -5.22 -20.06
N GLU A 126 -11.23 -5.62 -20.97
CA GLU A 126 -10.24 -6.64 -20.67
C GLU A 126 -9.42 -6.29 -19.44
N GLY A 127 -9.37 -7.22 -18.49
CA GLY A 127 -8.57 -7.07 -17.28
C GLY A 127 -9.17 -6.16 -16.24
N MET A 128 -10.38 -5.65 -16.48
CA MET A 128 -10.97 -4.66 -15.59
C MET A 128 -11.71 -5.30 -14.40
N VAL A 129 -12.36 -6.43 -14.65
CA VAL A 129 -13.24 -7.03 -13.65
C VAL A 129 -12.52 -7.34 -12.32
N GLU A 130 -11.24 -7.72 -12.38
CA GLU A 130 -10.50 -7.99 -11.14
C GLU A 130 -10.25 -6.70 -10.37
N ILE A 131 -10.07 -5.59 -11.07
CA ILE A 131 -9.89 -4.31 -10.39
C ILE A 131 -11.21 -3.85 -9.77
N PHE A 132 -12.31 -4.04 -10.51
CA PHE A 132 -13.66 -3.79 -9.97
C PHE A 132 -13.88 -4.56 -8.68
N ASP A 133 -13.52 -5.84 -8.68
CA ASP A 133 -13.75 -6.72 -7.53
C ASP A 133 -12.99 -6.23 -6.29
N MET A 134 -11.75 -5.78 -6.49
CA MET A 134 -10.97 -5.22 -5.39
C MET A 134 -11.58 -3.93 -4.88
N LEU A 135 -12.03 -3.08 -5.80
CA LEU A 135 -12.70 -1.82 -5.42
C LEU A 135 -14.00 -2.10 -4.65
N LEU A 136 -14.78 -3.05 -5.13
CA LEU A 136 -16.02 -3.45 -4.45
C LEU A 136 -15.77 -3.96 -3.03
N ALA A 137 -14.77 -4.82 -2.88
CA ALA A 137 -14.46 -5.39 -1.57
C ALA A 137 -13.99 -4.30 -0.61
N THR A 138 -13.30 -3.30 -1.15
CA THR A 138 -12.85 -2.19 -0.33
C THR A 138 -14.05 -1.38 0.14
N SER A 139 -15.03 -1.23 -0.75
CA SER A 139 -16.22 -0.48 -0.43
C SER A 139 -17.02 -1.20 0.66
N SER A 140 -17.14 -2.51 0.53
CA SER A 140 -17.78 -3.33 1.56
C SER A 140 -17.07 -3.19 2.91
N ARG A 141 -15.74 -3.17 2.87
CA ARG A 141 -14.95 -3.02 4.08
C ARG A 141 -15.26 -1.69 4.78
N PHE A 142 -15.28 -0.60 4.01
CA PHE A 142 -15.64 0.71 4.57
C PHE A 142 -17.06 0.69 5.16
N ARG A 143 -17.98 0.06 4.45
CA ARG A 143 -19.37 -0.05 4.92
C ARG A 143 -19.45 -0.82 6.22
N MET A 144 -18.77 -1.96 6.28
CA MET A 144 -18.80 -2.79 7.48
C MET A 144 -18.10 -2.11 8.67
N MET A 145 -17.15 -1.22 8.39
CA MET A 145 -16.50 -0.43 9.43
C MET A 145 -17.30 0.80 9.81
N ASN A 146 -18.31 1.11 9.01
CA ASN A 146 -19.08 2.34 9.19
C ASN A 146 -18.19 3.59 9.14
N LEU A 147 -17.33 3.64 8.14
CA LEU A 147 -16.42 4.76 7.94
C LEU A 147 -17.17 6.09 7.88
N GLN A 148 -16.65 7.09 8.59
CA GLN A 148 -17.29 8.41 8.65
C GLN A 148 -16.63 9.38 7.67
N GLY A 149 -17.40 10.39 7.24
CA GLY A 149 -16.90 11.39 6.32
C GLY A 149 -15.68 12.13 6.83
N GLU A 150 -15.64 12.40 8.14
CA GLU A 150 -14.50 13.08 8.73
C GLU A 150 -13.27 12.17 8.71
N GLU A 151 -13.50 10.88 8.92
CA GLU A 151 -12.43 9.90 8.81
C GLU A 151 -11.94 9.79 7.36
N PHE A 152 -12.89 9.78 6.43
CA PHE A 152 -12.56 9.67 5.01
C PHE A 152 -11.67 10.82 4.52
N VAL A 153 -12.01 12.06 4.85
CA VAL A 153 -11.19 13.17 4.38
C VAL A 153 -9.77 13.11 4.97
N CYS A 154 -9.65 12.63 6.20
CA CYS A 154 -8.34 12.46 6.83
C CYS A 154 -7.49 11.44 6.07
N LEU A 155 -8.09 10.30 5.74
CA LEU A 155 -7.41 9.24 5.00
C LEU A 155 -6.93 9.71 3.64
N LYS A 156 -7.77 10.48 2.95
CA LYS A 156 -7.45 10.93 1.61
C LYS A 156 -6.27 11.89 1.66
N SER A 157 -6.21 12.70 2.71
N SER A 157 -6.16 12.65 2.72
CA SER A 157 -5.08 13.62 2.90
CA SER A 157 -5.06 13.59 2.73
C SER A 157 -3.81 12.86 3.20
C SER A 157 -3.79 12.88 3.20
N ILE A 158 -3.92 11.86 4.05
CA ILE A 158 -2.78 11.00 4.36
C ILE A 158 -2.21 10.37 3.08
N ILE A 159 -3.09 9.89 2.22
CA ILE A 159 -2.66 9.31 0.95
C ILE A 159 -1.84 10.31 0.15
N LEU A 160 -2.37 11.53 0.05
CA LEU A 160 -1.70 12.60 -0.67
C LEU A 160 -0.29 12.85 -0.17
N LEU A 161 -0.15 13.01 1.14
CA LEU A 161 1.15 13.37 1.71
C LEU A 161 2.08 12.15 1.88
N ASN A 162 1.51 10.95 2.02
CA ASN A 162 2.34 9.78 2.32
C ASN A 162 2.83 8.99 1.11
N SER A 163 2.05 8.92 0.06
CA SER A 163 2.30 7.93 -0.99
C SER A 163 3.61 8.20 -1.73
N GLY A 164 3.99 9.47 -1.87
CA GLY A 164 5.23 9.79 -2.55
C GLY A 164 6.42 10.14 -1.67
N VAL A 165 6.23 10.13 -0.35
CA VAL A 165 7.23 10.70 0.55
C VAL A 165 8.57 9.93 0.57
N TYR A 166 8.54 8.63 0.27
CA TYR A 166 9.78 7.85 0.13
C TYR A 166 10.03 7.56 -1.33
N THR A 167 10.09 8.62 -2.10
CA THR A 167 10.45 8.55 -3.50
C THR A 167 10.82 9.96 -3.85
N PHE A 168 10.84 10.81 -2.84
CA PHE A 168 10.93 12.24 -3.06
C PHE A 168 12.05 12.63 -3.99
N LYS A 179 10.58 14.35 3.70
CA LYS A 179 10.62 15.61 4.43
C LYS A 179 10.04 15.50 5.83
N ASP A 180 10.67 16.19 6.76
CA ASP A 180 10.20 16.26 8.13
C ASP A 180 8.93 17.09 8.25
N HIS A 181 8.75 18.06 7.35
CA HIS A 181 7.57 18.88 7.41
C HIS A 181 6.33 18.03 7.13
N ILE A 182 6.40 17.20 6.10
CA ILE A 182 5.29 16.31 5.75
C ILE A 182 4.98 15.33 6.88
N HIS A 183 6.01 14.82 7.53
CA HIS A 183 5.81 13.89 8.64
C HIS A 183 5.12 14.57 9.81
N ARG A 184 5.45 15.85 10.00
CA ARG A 184 4.80 16.64 11.03
C ARG A 184 3.31 16.75 10.75
N VAL A 185 2.97 17.03 9.50
CA VAL A 185 1.58 17.17 9.13
C VAL A 185 0.86 15.83 9.24
N LEU A 186 1.52 14.77 8.79
CA LEU A 186 0.96 13.44 8.89
C LEU A 186 0.65 13.09 10.36
N ASP A 187 1.54 13.45 11.27
CA ASP A 187 1.32 13.23 12.70
C ASP A 187 0.11 14.01 13.22
N LYS A 188 -0.09 15.20 12.66
CA LYS A 188 -1.22 16.05 13.01
C LYS A 188 -2.53 15.41 12.57
N ILE A 189 -2.51 14.80 11.39
CA ILE A 189 -3.69 14.11 10.89
C ILE A 189 -3.98 12.87 11.74
N THR A 190 -2.94 12.21 12.24
CA THR A 190 -3.13 11.08 13.14
C THR A 190 -3.83 11.54 14.42
N ASP A 191 -3.33 12.61 15.02
CA ASP A 191 -3.98 13.20 16.20
C ASP A 191 -5.45 13.44 15.91
N THR A 192 -5.72 13.92 14.71
CA THR A 192 -7.08 14.30 14.31
C THR A 192 -7.99 13.07 14.20
N LEU A 193 -7.47 11.99 13.62
CA LEU A 193 -8.21 10.74 13.53
C LEU A 193 -8.57 10.22 14.91
N ILE A 194 -7.60 10.20 15.82
CA ILE A 194 -7.85 9.73 17.18
C ILE A 194 -8.88 10.62 17.87
N HIS A 195 -8.75 11.93 17.66
CA HIS A 195 -9.70 12.88 18.23
C HIS A 195 -11.12 12.60 17.79
N LEU A 196 -11.31 12.35 16.49
CA LEU A 196 -12.64 12.02 15.98
C LEU A 196 -13.20 10.74 16.62
N MET A 197 -12.34 9.73 16.78
CA MET A 197 -12.78 8.47 17.36
C MET A 197 -13.12 8.61 18.84
N ALA A 198 -12.32 9.36 19.58
CA ALA A 198 -12.61 9.61 20.98
C ALA A 198 -13.94 10.32 21.10
N LYS A 199 -14.10 11.37 20.29
CA LYS A 199 -15.31 12.18 20.27
C LYS A 199 -16.54 11.33 19.92
N ALA A 200 -16.33 10.25 19.18
CA ALA A 200 -17.43 9.36 18.80
C ALA A 200 -17.66 8.29 19.86
N GLY A 201 -16.94 8.40 20.98
CA GLY A 201 -17.16 7.51 22.10
C GLY A 201 -16.42 6.18 22.09
N LEU A 202 -15.45 6.01 21.20
CA LEU A 202 -14.66 4.77 21.21
C LEU A 202 -13.75 4.71 22.43
N THR A 203 -13.63 3.54 23.04
CA THR A 203 -12.67 3.35 24.11
C THR A 203 -11.24 3.58 23.59
N LEU A 204 -10.31 3.78 24.51
CA LEU A 204 -8.92 4.01 24.13
C LEU A 204 -8.38 2.84 23.30
N GLN A 205 -8.69 1.62 23.72
CA GLN A 205 -8.27 0.44 22.96
C GLN A 205 -8.87 0.45 21.57
N GLN A 206 -10.17 0.72 21.49
CA GLN A 206 -10.88 0.76 20.22
C GLN A 206 -10.29 1.81 19.30
N GLN A 207 -9.79 2.90 19.89
CA GLN A 207 -9.20 3.96 19.10
C GLN A 207 -7.96 3.48 18.34
N HIS A 208 -7.03 2.80 19.01
CA HIS A 208 -5.84 2.38 18.27
C HIS A 208 -6.14 1.20 17.35
N GLN A 209 -7.09 0.35 17.73
CA GLN A 209 -7.50 -0.75 16.85
C GLN A 209 -8.09 -0.22 15.54
N ARG A 210 -8.98 0.75 15.63
CA ARG A 210 -9.61 1.31 14.44
C ARG A 210 -8.61 2.12 13.61
N LEU A 211 -7.71 2.83 14.28
CA LEU A 211 -6.65 3.57 13.58
C LEU A 211 -5.84 2.61 12.71
N ALA A 212 -5.48 1.47 13.29
CA ALA A 212 -4.73 0.45 12.56
C ALA A 212 -5.55 -0.07 11.38
N GLN A 213 -6.82 -0.39 11.62
CA GLN A 213 -7.68 -0.94 10.57
C GLN A 213 -7.81 0.01 9.36
N LEU A 214 -7.95 1.30 9.62
CA LEU A 214 -8.07 2.27 8.54
C LEU A 214 -6.77 2.39 7.75
N LEU A 215 -5.64 2.45 8.46
CA LEU A 215 -4.35 2.63 7.80
C LEU A 215 -3.95 1.40 7.00
N LEU A 216 -4.32 0.22 7.49
CA LEU A 216 -4.03 -1.02 6.76
C LEU A 216 -4.80 -1.09 5.46
N ILE A 217 -5.94 -0.43 5.38
CA ILE A 217 -6.71 -0.41 4.14
C ILE A 217 -5.98 0.40 3.08
N LEU A 218 -5.19 1.38 3.51
CA LEU A 218 -4.39 2.19 2.58
C LEU A 218 -3.40 1.33 1.80
N SER A 219 -2.93 0.26 2.41
CA SER A 219 -2.05 -0.68 1.71
C SER A 219 -2.77 -1.31 0.54
N HIS A 220 -4.02 -1.70 0.76
N HIS A 220 -4.03 -1.69 0.75
CA HIS A 220 -4.85 -2.29 -0.28
CA HIS A 220 -4.84 -2.26 -0.30
C HIS A 220 -5.16 -1.26 -1.39
C HIS A 220 -5.12 -1.25 -1.40
N ILE A 221 -5.35 -0.01 -1.01
CA ILE A 221 -5.59 1.04 -1.99
C ILE A 221 -4.32 1.31 -2.83
N ARG A 222 -3.16 1.26 -2.19
CA ARG A 222 -1.90 1.35 -2.95
C ARG A 222 -1.81 0.22 -3.96
N HIS A 223 -2.09 -0.99 -3.49
CA HIS A 223 -2.05 -2.16 -4.34
C HIS A 223 -2.99 -2.00 -5.55
N MET A 224 -4.22 -1.57 -5.29
CA MET A 224 -5.21 -1.39 -6.35
C MET A 224 -4.76 -0.34 -7.35
N SER A 225 -4.15 0.73 -6.85
CA SER A 225 -3.62 1.79 -7.70
C SER A 225 -2.54 1.25 -8.65
N ASN A 226 -1.67 0.39 -8.13
CA ASN A 226 -0.65 -0.24 -8.97
C ASN A 226 -1.25 -1.12 -10.06
N LYS A 227 -2.29 -1.89 -9.72
CA LYS A 227 -2.99 -2.68 -10.73
C LYS A 227 -3.67 -1.79 -11.76
N GLY A 228 -4.37 -0.76 -11.29
CA GLY A 228 -5.06 0.17 -12.18
C GLY A 228 -4.11 0.91 -13.10
N MET A 229 -2.92 1.19 -12.61
CA MET A 229 -1.93 1.89 -13.41
C MET A 229 -1.39 0.98 -14.51
N GLU A 230 -1.10 -0.27 -14.16
CA GLU A 230 -0.69 -1.25 -15.15
C GLU A 230 -1.81 -1.47 -16.16
N HIS A 231 -3.06 -1.49 -15.68
CA HIS A 231 -4.18 -1.66 -16.59
C HIS A 231 -4.31 -0.51 -17.58
N LEU A 232 -4.26 0.72 -17.06
CA LEU A 232 -4.43 1.91 -17.90
C LEU A 232 -3.32 1.97 -18.95
N TYR A 233 -2.11 1.63 -18.54
CA TYR A 233 -0.97 1.65 -19.44
C TYR A 233 -1.17 0.67 -20.59
N SER A 234 -1.69 -0.51 -20.30
CA SER A 234 -1.93 -1.49 -21.35
C SER A 234 -2.99 -0.97 -22.32
N MET A 235 -4.02 -0.31 -21.80
CA MET A 235 -5.08 0.25 -22.65
C MET A 235 -4.48 1.27 -23.61
N LYS A 236 -3.65 2.14 -23.07
CA LYS A 236 -2.93 3.11 -23.89
C LYS A 236 -2.05 2.41 -24.90
N LYS A 238 -2.34 -0.27 -26.28
CA LYS A 238 -3.09 -0.96 -27.32
C LYS A 238 -3.98 0.00 -28.10
N ASN A 239 -3.80 1.31 -27.87
CA ASN A 239 -4.56 2.34 -28.58
C ASN A 239 -6.08 2.19 -28.42
N VAL A 240 -6.50 1.77 -27.23
CA VAL A 240 -7.91 1.60 -26.93
C VAL A 240 -8.62 2.95 -26.76
N VAL A 241 -7.97 3.87 -26.06
CA VAL A 241 -8.49 5.20 -25.78
C VAL A 241 -7.43 6.26 -26.00
N PRO A 242 -7.85 7.46 -26.44
CA PRO A 242 -6.86 8.54 -26.36
C PRO A 242 -6.89 9.12 -24.96
N LEU A 243 -5.73 9.51 -24.45
CA LEU A 243 -5.64 10.10 -23.13
C LEU A 243 -5.24 11.56 -23.22
N SER A 244 -5.81 12.38 -22.34
CA SER A 244 -5.42 13.78 -22.23
C SER A 244 -3.93 13.87 -21.93
N ASP A 245 -3.32 15.02 -22.23
CA ASP A 245 -1.91 15.20 -21.93
C ASP A 245 -1.65 15.02 -20.44
N LEU A 246 -2.59 15.49 -19.61
CA LEU A 246 -2.43 15.36 -18.16
C LEU A 246 -2.36 13.88 -17.75
N LEU A 247 -3.33 13.10 -18.23
CA LEU A 247 -3.39 11.67 -17.92
C LEU A 247 -2.17 10.94 -18.46
N LEU A 248 -1.74 11.29 -19.68
CA LEU A 248 -0.55 10.69 -20.26
C LEU A 248 0.66 10.92 -19.37
N GLU A 249 0.78 12.14 -18.86
CA GLU A 249 1.93 12.49 -18.06
C GLU A 249 1.86 11.89 -16.67
N MET A 250 0.65 11.77 -16.11
CA MET A 250 0.50 11.08 -14.83
C MET A 250 0.95 9.63 -14.96
N LEU A 251 0.46 8.98 -16.01
CA LEU A 251 0.78 7.58 -16.30
C LEU A 251 2.27 7.41 -16.53
N ASP A 252 2.84 8.32 -17.31
CA ASP A 252 4.25 8.30 -17.65
C ASP A 252 5.18 8.46 -16.45
N ALA A 253 4.69 9.13 -15.42
CA ALA A 253 5.50 9.35 -14.22
C ALA A 253 5.80 8.04 -13.53
N HIS A 254 4.93 7.05 -13.74
CA HIS A 254 5.04 5.77 -13.09
C HIS A 254 5.79 4.73 -13.90
N ARG A 255 6.08 5.08 -15.16
CA ARG A 255 6.61 4.14 -16.15
C ARG A 255 5.55 3.07 -16.44
N ALA B 14 -4.64 -18.53 20.47
CA ALA B 14 -4.05 -17.41 19.75
C ALA B 14 -4.48 -16.08 20.35
N LEU B 15 -5.78 -15.79 20.31
CA LEU B 15 -6.27 -14.54 20.85
C LEU B 15 -6.24 -14.52 22.37
N SER B 16 -5.79 -15.61 22.99
CA SER B 16 -5.76 -15.66 24.44
C SER B 16 -4.40 -15.26 24.99
N LEU B 17 -3.39 -15.18 24.13
CA LEU B 17 -2.05 -14.87 24.60
C LEU B 17 -1.89 -13.42 25.10
N THR B 18 -0.96 -13.22 26.03
CA THR B 18 -0.62 -11.88 26.47
C THR B 18 0.24 -11.22 25.40
N ALA B 19 0.35 -9.89 25.44
CA ALA B 19 1.21 -9.17 24.52
C ALA B 19 2.65 -9.71 24.58
N ASP B 20 3.18 -9.87 25.78
CA ASP B 20 4.53 -10.41 25.97
C ASP B 20 4.67 -11.81 25.38
N GLN B 21 3.61 -12.60 25.46
CA GLN B 21 3.61 -13.96 24.92
C GLN B 21 3.54 -13.95 23.41
N MET B 22 2.80 -12.98 22.87
CA MET B 22 2.74 -12.77 21.44
C MET B 22 4.13 -12.40 20.90
N VAL B 23 4.79 -11.46 21.57
CA VAL B 23 6.12 -11.02 21.17
C VAL B 23 7.13 -12.18 21.26
N SER B 24 7.13 -12.88 22.39
CA SER B 24 7.94 -14.08 22.57
C SER B 24 7.75 -15.09 21.43
N ALA B 25 6.49 -15.37 21.12
CA ALA B 25 6.15 -16.32 20.07
C ALA B 25 6.69 -15.89 18.71
N LEU B 26 6.56 -14.60 18.40
CA LEU B 26 7.00 -14.07 17.11
C LEU B 26 8.52 -14.08 17.01
N LEU B 27 9.19 -13.70 18.09
CA LEU B 27 10.64 -13.73 18.13
C LEU B 27 11.17 -15.13 17.97
N ASP B 28 10.51 -16.07 18.61
CA ASP B 28 10.96 -17.45 18.56
C ASP B 28 10.76 -18.04 17.15
N ALA B 29 9.77 -17.54 16.42
CA ALA B 29 9.45 -18.07 15.09
C ALA B 29 10.34 -17.53 13.95
N GLU B 30 11.20 -16.56 14.25
CA GLU B 30 12.00 -15.89 13.23
C GLU B 30 12.83 -16.84 12.36
N PRO B 31 12.83 -16.63 11.03
CA PRO B 31 13.66 -17.49 10.19
C PRO B 31 15.12 -17.10 10.31
N PRO B 32 16.04 -17.96 9.83
CA PRO B 32 17.46 -17.64 9.92
C PRO B 32 17.91 -16.70 8.82
N ILE B 33 19.06 -16.06 9.00
CA ILE B 33 19.66 -15.28 7.94
C ILE B 33 20.47 -16.26 7.09
N LEU B 34 20.22 -16.27 5.78
CA LEU B 34 20.88 -17.23 4.91
C LEU B 34 22.04 -16.58 4.15
N TYR B 35 22.94 -17.40 3.62
CA TYR B 35 24.10 -16.90 2.89
C TYR B 35 23.96 -17.00 1.38
N SER B 36 24.70 -16.15 0.68
CA SER B 36 24.83 -16.23 -0.76
C SER B 36 26.05 -17.09 -1.11
N GLU B 37 26.54 -17.00 -2.34
CA GLU B 37 27.50 -17.98 -2.85
C GLU B 37 28.98 -17.76 -2.52
N TYR B 38 29.39 -16.51 -2.29
CA TYR B 38 30.82 -16.17 -2.10
C TYR B 38 31.52 -16.10 -3.44
N PHE B 44 30.03 -8.31 -11.68
CA PHE B 44 28.78 -9.04 -11.88
C PHE B 44 28.08 -8.62 -13.16
N SER B 45 27.43 -9.59 -13.78
CA SER B 45 26.57 -9.30 -14.89
C SER B 45 25.16 -9.29 -14.37
N GLU B 46 24.23 -9.08 -15.29
CA GLU B 46 22.83 -9.02 -14.97
C GLU B 46 22.28 -10.43 -14.73
N ALA B 47 22.87 -11.41 -15.40
CA ALA B 47 22.40 -12.78 -15.26
C ALA B 47 23.01 -13.42 -14.03
N SER B 48 24.17 -12.89 -13.63
CA SER B 48 24.89 -13.36 -12.45
C SER B 48 24.28 -12.83 -11.16
N MET B 49 24.03 -11.52 -11.10
CA MET B 49 23.46 -10.95 -9.89
C MET B 49 22.03 -11.45 -9.69
N MET B 50 21.25 -11.51 -10.78
CA MET B 50 19.88 -12.01 -10.69
C MET B 50 19.86 -13.48 -10.24
N GLY B 51 20.89 -14.22 -10.64
CA GLY B 51 21.05 -15.59 -10.19
C GLY B 51 21.22 -15.66 -8.68
N LEU B 52 22.15 -14.87 -8.14
CA LEU B 52 22.39 -14.85 -6.70
C LEU B 52 21.15 -14.41 -5.94
N LEU B 53 20.49 -13.38 -6.43
CA LEU B 53 19.34 -12.81 -5.74
C LEU B 53 18.18 -13.79 -5.71
N THR B 54 17.91 -14.43 -6.85
CA THR B 54 16.78 -15.33 -6.95
C THR B 54 17.03 -16.66 -6.26
N ASN B 55 18.27 -17.13 -6.28
CA ASN B 55 18.63 -18.35 -5.57
C ASN B 55 18.42 -18.13 -4.07
N LEU B 56 18.89 -16.99 -3.57
CA LEU B 56 18.69 -16.61 -2.19
C LEU B 56 17.20 -16.55 -1.83
N ALA B 57 16.44 -15.84 -2.66
CA ALA B 57 15.00 -15.68 -2.43
C ALA B 57 14.27 -17.02 -2.34
N ASP B 58 14.59 -17.93 -3.26
CA ASP B 58 13.93 -19.23 -3.30
C ASP B 58 14.23 -20.04 -2.02
N ARG B 59 15.48 -19.98 -1.55
CA ARG B 59 15.85 -20.68 -0.33
C ARG B 59 15.17 -20.03 0.89
N GLU B 60 15.12 -18.70 0.93
CA GLU B 60 14.41 -18.00 2.00
C GLU B 60 12.92 -18.33 2.03
N LEU B 61 12.35 -18.53 0.85
CA LEU B 61 10.92 -18.82 0.74
C LEU B 61 10.53 -20.04 1.54
N VAL B 62 11.39 -21.07 1.50
CA VAL B 62 11.11 -22.30 2.20
C VAL B 62 11.05 -22.05 3.71
N HIS B 63 11.96 -21.22 4.21
CA HIS B 63 12.00 -20.87 5.63
C HIS B 63 10.83 -19.96 6.00
N MET B 64 10.39 -19.15 5.05
CA MET B 64 9.27 -18.25 5.31
C MET B 64 7.99 -19.03 5.56
N ILE B 65 7.81 -20.11 4.81
CA ILE B 65 6.60 -20.91 4.92
C ILE B 65 6.53 -21.59 6.30
N ASN B 66 7.68 -21.98 6.85
CA ASN B 66 7.75 -22.46 8.23
C ASN B 66 7.43 -21.39 9.25
N TRP B 67 7.95 -20.20 9.01
CA TRP B 67 7.72 -19.08 9.90
C TRP B 67 6.23 -18.79 9.95
N ALA B 68 5.59 -18.81 8.78
CA ALA B 68 4.18 -18.45 8.67
C ALA B 68 3.31 -19.35 9.55
N LYS B 69 3.60 -20.64 9.55
CA LYS B 69 2.82 -21.61 10.32
C LYS B 69 2.93 -21.36 11.83
N ARG B 70 3.87 -20.51 12.23
CA ARG B 70 4.03 -20.17 13.63
C ARG B 70 3.56 -18.76 13.96
N VAL B 71 3.06 -18.06 12.95
CA VAL B 71 2.38 -16.80 13.21
C VAL B 71 1.02 -17.14 13.79
N PRO B 72 0.78 -16.74 15.06
CA PRO B 72 -0.45 -17.10 15.77
C PRO B 72 -1.71 -16.88 14.93
N GLY B 73 -2.52 -17.93 14.81
CA GLY B 73 -3.76 -17.85 14.05
C GLY B 73 -3.65 -18.36 12.62
N PHE B 74 -2.44 -18.49 12.11
CA PHE B 74 -2.25 -18.80 10.69
C PHE B 74 -2.57 -20.26 10.33
N VAL B 75 -2.18 -21.23 11.17
CA VAL B 75 -2.51 -22.62 10.86
C VAL B 75 -3.98 -22.91 11.17
N ASP B 76 -4.65 -21.96 11.82
CA ASP B 76 -6.09 -22.06 12.04
C ASP B 76 -6.84 -21.89 10.73
N LEU B 77 -6.22 -21.23 9.75
CA LEU B 77 -6.85 -20.96 8.47
C LEU B 77 -6.90 -22.20 7.60
N THR B 78 -7.80 -22.22 6.62
CA THR B 78 -7.81 -23.33 5.69
C THR B 78 -6.55 -23.27 4.83
N LEU B 79 -6.19 -24.40 4.26
CA LEU B 79 -5.03 -24.53 3.41
C LEU B 79 -5.07 -23.58 2.22
N HIS B 80 -6.28 -23.37 1.70
CA HIS B 80 -6.50 -22.49 0.57
C HIS B 80 -6.15 -21.05 0.96
N ASP B 81 -6.60 -20.66 2.13
CA ASP B 81 -6.37 -19.30 2.62
C ASP B 81 -4.90 -19.09 2.96
N GLN B 82 -4.28 -20.11 3.56
CA GLN B 82 -2.85 -20.05 3.85
C GLN B 82 -2.04 -19.83 2.57
N VAL B 83 -2.34 -20.63 1.54
CA VAL B 83 -1.67 -20.51 0.25
C VAL B 83 -1.82 -19.12 -0.32
N HIS B 84 -3.04 -18.59 -0.24
CA HIS B 84 -3.36 -17.27 -0.79
C HIS B 84 -2.58 -16.15 -0.11
N LEU B 85 -2.57 -16.14 1.23
CA LEU B 85 -1.86 -15.12 1.97
C LEU B 85 -0.37 -15.12 1.62
N LEU B 86 0.22 -16.32 1.58
CA LEU B 86 1.64 -16.44 1.25
C LEU B 86 1.93 -15.96 -0.16
N GLU B 87 1.07 -16.31 -1.11
CA GLU B 87 1.26 -15.87 -2.48
C GLU B 87 1.19 -14.35 -2.59
N CYS B 88 0.33 -13.75 -1.80
CA CYS B 88 0.17 -12.30 -1.82
C CYS B 88 1.34 -11.61 -1.13
N ALA B 89 1.82 -12.22 -0.06
CA ALA B 89 2.68 -11.53 0.89
C ALA B 89 4.18 -11.76 0.70
N TRP B 90 4.56 -12.84 0.02
CA TRP B 90 5.94 -13.33 0.10
C TRP B 90 7.04 -12.32 -0.24
N LEU B 91 6.85 -11.52 -1.29
CA LEU B 91 7.89 -10.56 -1.67
C LEU B 91 7.94 -9.39 -0.68
N GLU B 92 6.77 -8.95 -0.21
CA GLU B 92 6.70 -7.96 0.87
C GLU B 92 7.48 -8.42 2.10
N ILE B 93 7.38 -9.70 2.40
CA ILE B 93 8.03 -10.24 3.59
C ILE B 93 9.54 -10.36 3.38
N LEU B 94 9.95 -10.75 2.18
CA LEU B 94 11.37 -10.79 1.85
C LEU B 94 11.97 -9.40 1.94
N MET B 95 11.22 -8.41 1.47
CA MET B 95 11.69 -7.03 1.42
C MET B 95 11.80 -6.39 2.79
N ILE B 96 10.79 -6.56 3.65
CA ILE B 96 10.87 -5.97 4.97
C ILE B 96 12.01 -6.66 5.73
N GLY B 97 12.21 -7.95 5.47
CA GLY B 97 13.33 -8.68 6.04
C GLY B 97 14.66 -8.07 5.64
N LEU B 98 14.85 -7.83 4.35
CA LEU B 98 16.06 -7.20 3.81
C LEU B 98 16.26 -5.80 4.39
N VAL B 99 15.19 -5.02 4.43
CA VAL B 99 15.27 -3.66 4.94
C VAL B 99 15.69 -3.66 6.41
N TRP B 100 15.15 -4.58 7.20
CA TRP B 100 15.57 -4.74 8.60
C TRP B 100 17.05 -5.12 8.72
N ARG B 101 17.47 -6.11 7.94
CA ARG B 101 18.87 -6.56 7.96
C ARG B 101 19.83 -5.42 7.64
N SER B 102 19.35 -4.48 6.83
CA SER B 102 20.18 -3.45 6.25
C SER B 102 20.17 -2.15 7.06
N MET B 103 19.40 -2.13 8.15
CA MET B 103 19.20 -0.92 8.93
C MET B 103 20.51 -0.25 9.33
N GLU B 104 21.45 -1.04 9.84
CA GLU B 104 22.70 -0.49 10.35
C GLU B 104 23.78 -0.50 9.29
N HIS B 105 23.38 -0.41 8.02
CA HIS B 105 24.32 -0.29 6.92
C HIS B 105 23.86 0.77 5.94
N PRO B 106 23.93 2.05 6.35
CA PRO B 106 23.45 3.15 5.52
C PRO B 106 23.99 3.06 4.10
N GLY B 107 23.12 3.12 3.10
CA GLY B 107 23.57 3.10 1.72
C GLY B 107 23.72 1.71 1.11
N LYS B 108 23.51 0.67 1.92
CA LYS B 108 23.70 -0.69 1.43
C LYS B 108 22.55 -1.61 1.75
N LEU B 109 22.41 -2.67 0.95
CA LEU B 109 21.44 -3.70 1.21
C LEU B 109 22.13 -5.00 1.59
N LEU B 110 21.87 -5.47 2.80
CA LEU B 110 22.44 -6.70 3.33
C LEU B 110 21.57 -7.89 2.93
N PHE B 111 21.70 -8.29 1.67
CA PHE B 111 20.96 -9.45 1.17
C PHE B 111 21.35 -10.70 1.93
N ALA B 112 22.65 -10.86 2.17
CA ALA B 112 23.18 -11.93 3.01
C ALA B 112 24.46 -11.40 3.64
N PRO B 113 24.91 -12.02 4.75
CA PRO B 113 26.10 -11.45 5.41
C PRO B 113 27.29 -11.38 4.47
N ASN B 114 27.29 -12.22 3.44
CA ASN B 114 28.35 -12.21 2.44
C ASN B 114 27.88 -11.68 1.09
N LEU B 115 26.73 -11.00 1.07
CA LEU B 115 26.29 -10.27 -0.12
C LEU B 115 25.70 -8.93 0.31
N LEU B 116 26.60 -7.98 0.54
CA LEU B 116 26.28 -6.63 0.97
C LEU B 116 26.48 -5.69 -0.20
N LEU B 117 25.38 -5.24 -0.79
CA LEU B 117 25.43 -4.50 -2.04
C LEU B 117 25.16 -3.02 -1.86
N ASP B 118 26.06 -2.18 -2.38
CA ASP B 118 25.84 -0.74 -2.35
C ASP B 118 24.80 -0.39 -3.41
N ARG B 119 24.39 0.88 -3.43
CA ARG B 119 23.38 1.33 -4.38
C ARG B 119 23.81 1.14 -5.84
N ASN B 120 25.07 1.46 -6.12
CA ASN B 120 25.57 1.43 -7.50
C ASN B 120 25.58 0.04 -8.13
N GLN B 121 25.72 -0.99 -7.31
CA GLN B 121 25.70 -2.35 -7.82
C GLN B 121 24.30 -2.71 -8.33
N GLY B 122 23.31 -1.93 -7.94
CA GLY B 122 21.97 -2.10 -8.46
C GLY B 122 21.91 -1.91 -9.97
N LYS B 123 22.80 -1.07 -10.49
CA LYS B 123 22.82 -0.76 -11.90
C LYS B 123 23.17 -1.95 -12.81
N CYS B 124 23.85 -2.96 -12.27
CA CYS B 124 24.19 -4.15 -13.08
C CYS B 124 22.96 -4.77 -13.70
N VAL B 125 21.83 -4.59 -13.03
CA VAL B 125 20.59 -5.19 -13.49
C VAL B 125 19.61 -4.12 -13.93
N GLU B 126 19.09 -4.28 -15.14
CA GLU B 126 18.19 -3.29 -15.72
C GLU B 126 16.96 -3.06 -14.85
N GLY B 127 16.74 -1.81 -14.47
CA GLY B 127 15.53 -1.40 -13.77
C GLY B 127 15.52 -1.69 -12.28
N MET B 128 16.67 -2.00 -11.73
CA MET B 128 16.75 -2.42 -10.33
C MET B 128 17.15 -1.30 -9.39
N VAL B 129 17.92 -0.33 -9.90
CA VAL B 129 18.44 0.74 -9.07
C VAL B 129 17.30 1.51 -8.40
N GLU B 130 16.16 1.57 -9.08
CA GLU B 130 14.98 2.22 -8.51
C GLU B 130 14.39 1.42 -7.37
N ILE B 131 14.39 0.11 -7.53
CA ILE B 131 13.91 -0.75 -6.48
C ILE B 131 14.91 -0.68 -5.33
N PHE B 132 16.19 -0.71 -5.65
CA PHE B 132 17.22 -0.51 -4.63
C PHE B 132 17.02 0.81 -3.87
N ASP B 133 16.76 1.89 -4.60
CA ASP B 133 16.53 3.20 -3.98
C ASP B 133 15.34 3.19 -3.01
N MET B 134 14.24 2.55 -3.40
CA MET B 134 13.08 2.45 -2.52
C MET B 134 13.37 1.62 -1.28
N LEU B 135 14.17 0.58 -1.44
CA LEU B 135 14.51 -0.28 -0.31
C LEU B 135 15.43 0.47 0.66
N LEU B 136 16.44 1.15 0.12
CA LEU B 136 17.34 1.96 0.93
C LEU B 136 16.59 3.05 1.70
N ALA B 137 15.62 3.67 1.04
CA ALA B 137 14.82 4.71 1.68
C ALA B 137 14.03 4.14 2.85
N THR B 138 13.49 2.94 2.70
CA THR B 138 12.77 2.29 3.78
C THR B 138 13.72 1.96 4.94
N SER B 139 14.89 1.44 4.59
CA SER B 139 15.90 1.12 5.58
C SER B 139 16.27 2.37 6.36
N SER B 140 16.53 3.44 5.62
CA SER B 140 16.86 4.73 6.20
C SER B 140 15.74 5.23 7.10
N ARG B 141 14.50 5.00 6.67
CA ARG B 141 13.34 5.40 7.45
C ARG B 141 13.29 4.64 8.77
N PHE B 142 13.44 3.31 8.72
CA PHE B 142 13.48 2.51 9.94
C PHE B 142 14.56 2.97 10.90
N ARG B 143 15.74 3.27 10.35
CA ARG B 143 16.88 3.71 11.18
C ARG B 143 16.52 4.98 11.96
N MET B 144 15.93 5.94 11.27
CA MET B 144 15.53 7.20 11.89
C MET B 144 14.47 7.00 12.96
N MET B 145 13.54 6.07 12.72
CA MET B 145 12.50 5.75 13.69
C MET B 145 13.05 4.93 14.84
N ASN B 146 14.25 4.39 14.66
CA ASN B 146 14.83 3.51 15.66
C ASN B 146 13.93 2.30 15.88
N LEU B 147 13.51 1.67 14.77
CA LEU B 147 12.65 0.50 14.82
C LEU B 147 13.26 -0.59 15.69
N GLN B 148 12.45 -1.16 16.58
CA GLN B 148 12.91 -2.25 17.45
C GLN B 148 12.58 -3.61 16.84
N GLY B 149 13.38 -4.62 17.19
CA GLY B 149 13.15 -5.97 16.69
C GLY B 149 11.77 -6.50 17.02
N GLU B 150 11.28 -6.18 18.22
CA GLU B 150 9.97 -6.65 18.64
C GLU B 150 8.86 -6.01 17.82
N GLU B 151 9.07 -4.76 17.42
CA GLU B 151 8.15 -4.05 16.53
C GLU B 151 8.20 -4.62 15.12
N PHE B 152 9.42 -4.94 14.68
CA PHE B 152 9.63 -5.48 13.35
C PHE B 152 8.87 -6.80 13.13
N VAL B 153 8.92 -7.71 14.11
CA VAL B 153 8.26 -9.00 13.91
C VAL B 153 6.75 -8.84 13.94
N CYS B 154 6.26 -7.82 14.63
CA CYS B 154 4.83 -7.51 14.60
C CYS B 154 4.43 -7.03 13.20
N LEU B 155 5.22 -6.13 12.64
CA LEU B 155 4.99 -5.62 11.29
C LEU B 155 4.97 -6.73 10.26
N LYS B 156 5.86 -7.69 10.41
CA LYS B 156 6.00 -8.76 9.43
C LYS B 156 4.78 -9.66 9.49
N SER B 157 4.27 -9.89 10.70
N SER B 157 4.24 -9.88 10.68
CA SER B 157 3.05 -10.68 10.89
CA SER B 157 3.10 -10.76 10.72
C SER B 157 1.83 -9.97 10.33
C SER B 157 1.82 -9.99 10.33
N ILE B 158 1.77 -8.67 10.54
CA ILE B 158 0.68 -7.86 10.00
C ILE B 158 0.65 -7.97 8.47
N ILE B 159 1.82 -7.89 7.85
CA ILE B 159 1.94 -8.02 6.40
C ILE B 159 1.38 -9.35 5.89
N LEU B 160 1.77 -10.45 6.53
CA LEU B 160 1.27 -11.77 6.14
C LEU B 160 -0.24 -11.83 6.17
N LEU B 161 -0.83 -11.40 7.28
CA LEU B 161 -2.26 -11.52 7.49
C LEU B 161 -3.08 -10.44 6.76
N ASN B 162 -2.49 -9.27 6.53
CA ASN B 162 -3.25 -8.20 5.91
C ASN B 162 -3.23 -8.18 4.38
N SER B 163 -2.14 -8.63 3.78
CA SER B 163 -1.93 -8.31 2.37
C SER B 163 -2.89 -9.02 1.41
N GLY B 164 -3.38 -10.18 1.78
CA GLY B 164 -4.30 -10.90 0.92
C GLY B 164 -5.72 -10.92 1.45
N VAL B 165 -5.96 -10.19 2.52
CA VAL B 165 -7.20 -10.33 3.27
C VAL B 165 -8.44 -9.74 2.54
N TYR B 166 -8.22 -8.99 1.46
CA TYR B 166 -9.35 -8.45 0.69
C TYR B 166 -9.57 -9.14 -0.65
N THR B 167 -8.65 -10.05 -0.98
CA THR B 167 -8.82 -10.91 -2.13
C THR B 167 -9.20 -12.31 -1.64
N ASP B 180 -13.14 -12.74 9.80
CA ASP B 180 -13.29 -12.05 11.07
C ASP B 180 -12.21 -12.47 12.05
N HIS B 181 -11.88 -13.76 12.04
CA HIS B 181 -10.83 -14.29 12.90
C HIS B 181 -9.49 -13.63 12.60
N ILE B 182 -9.20 -13.42 11.31
CA ILE B 182 -7.98 -12.73 10.91
C ILE B 182 -7.95 -11.30 11.42
N HIS B 183 -9.10 -10.62 11.36
CA HIS B 183 -9.17 -9.24 11.81
C HIS B 183 -9.07 -9.17 13.34
N ARG B 184 -9.44 -10.25 14.01
CA ARG B 184 -9.27 -10.30 15.46
C ARG B 184 -7.81 -10.48 15.79
N VAL B 185 -7.13 -11.29 15.00
CA VAL B 185 -5.72 -11.50 15.22
C VAL B 185 -4.94 -10.24 14.87
N LEU B 186 -5.37 -9.54 13.83
CA LEU B 186 -4.75 -8.26 13.47
C LEU B 186 -4.91 -7.24 14.61
N ASP B 187 -6.08 -7.21 15.24
CA ASP B 187 -6.30 -6.31 16.38
C ASP B 187 -5.36 -6.62 17.54
N LYS B 188 -5.15 -7.91 17.79
CA LYS B 188 -4.22 -8.39 18.80
C LYS B 188 -2.79 -7.91 18.55
N ILE B 189 -2.36 -7.96 17.29
CA ILE B 189 -1.01 -7.51 16.96
C ILE B 189 -0.89 -6.00 17.14
N THR B 190 -1.96 -5.26 16.79
CA THR B 190 -1.99 -3.82 17.07
C THR B 190 -1.85 -3.57 18.58
N ASP B 191 -2.60 -4.34 19.38
CA ASP B 191 -2.51 -4.25 20.84
C ASP B 191 -1.06 -4.50 21.28
N THR B 192 -0.41 -5.44 20.62
CA THR B 192 0.95 -5.82 20.97
C THR B 192 1.93 -4.69 20.67
N LEU B 193 1.80 -4.10 19.48
CA LEU B 193 2.60 -2.94 19.11
C LEU B 193 2.44 -1.78 20.08
N ILE B 194 1.20 -1.49 20.45
CA ILE B 194 0.92 -0.41 21.39
C ILE B 194 1.53 -0.72 22.75
N HIS B 195 1.48 -1.99 23.14
CA HIS B 195 2.07 -2.45 24.40
C HIS B 195 3.57 -2.20 24.43
N LEU B 196 4.25 -2.49 23.34
CA LEU B 196 5.69 -2.26 23.24
C LEU B 196 5.99 -0.76 23.38
N MET B 197 5.19 0.08 22.75
CA MET B 197 5.43 1.52 22.81
C MET B 197 5.13 2.06 24.20
N ALA B 198 4.06 1.54 24.82
CA ALA B 198 3.76 1.91 26.19
C ALA B 198 4.93 1.53 27.08
N LYS B 199 5.42 0.30 26.94
CA LYS B 199 6.53 -0.19 27.75
C LYS B 199 7.80 0.64 27.56
N ALA B 200 7.98 1.20 26.37
CA ALA B 200 9.15 2.02 26.07
C ALA B 200 9.05 3.44 26.64
N GLY B 201 7.88 3.79 27.16
CA GLY B 201 7.71 5.08 27.82
C GLY B 201 7.09 6.17 26.97
N LEU B 202 6.56 5.80 25.81
CA LEU B 202 5.92 6.77 24.92
C LEU B 202 4.60 7.23 25.50
N THR B 203 4.28 8.51 25.32
CA THR B 203 2.98 9.02 25.73
C THR B 203 1.91 8.44 24.82
N LEU B 204 0.65 8.59 25.24
CA LEU B 204 -0.49 8.17 24.45
C LEU B 204 -0.43 8.72 23.04
N GLN B 205 -0.27 10.04 22.95
CA GLN B 205 -0.17 10.72 21.67
C GLN B 205 0.98 10.19 20.84
N GLN B 206 2.10 9.90 21.47
CA GLN B 206 3.26 9.37 20.76
C GLN B 206 3.06 7.93 20.30
N GLN B 207 2.32 7.15 21.08
CA GLN B 207 1.99 5.78 20.70
C GLN B 207 1.19 5.75 19.40
N HIS B 208 0.14 6.56 19.36
CA HIS B 208 -0.74 6.58 18.19
C HIS B 208 -0.01 7.09 16.95
N GLN B 209 0.84 8.10 17.15
CA GLN B 209 1.61 8.64 16.04
C GLN B 209 2.61 7.62 15.51
N ARG B 210 3.27 6.91 16.40
CA ARG B 210 4.27 5.93 15.97
C ARG B 210 3.59 4.72 15.32
N LEU B 211 2.46 4.30 15.87
CA LEU B 211 1.66 3.25 15.26
C LEU B 211 1.32 3.63 13.82
N ALA B 212 0.79 4.84 13.66
CA ALA B 212 0.45 5.37 12.33
C ALA B 212 1.65 5.38 11.40
N GLN B 213 2.77 5.92 11.88
CA GLN B 213 3.98 5.99 11.06
C GLN B 213 4.42 4.62 10.56
N LEU B 214 4.33 3.61 11.42
CA LEU B 214 4.79 2.27 11.06
C LEU B 214 3.86 1.61 10.06
N LEU B 215 2.56 1.83 10.20
CA LEU B 215 1.61 1.18 9.31
C LEU B 215 1.63 1.84 7.93
N LEU B 216 1.94 3.13 7.89
CA LEU B 216 2.04 3.84 6.61
C LEU B 216 3.23 3.35 5.79
N ILE B 217 4.28 2.91 6.47
CA ILE B 217 5.44 2.33 5.80
C ILE B 217 5.06 1.04 5.08
N LEU B 218 4.15 0.27 5.67
CA LEU B 218 3.68 -0.96 5.03
C LEU B 218 3.04 -0.67 3.68
N SER B 219 2.46 0.52 3.53
CA SER B 219 1.94 0.95 2.24
C SER B 219 3.06 1.08 1.22
N HIS B 220 4.17 1.63 1.65
CA HIS B 220 5.34 1.77 0.78
C HIS B 220 5.92 0.39 0.45
N ILE B 221 5.91 -0.51 1.42
CA ILE B 221 6.41 -1.87 1.19
C ILE B 221 5.53 -2.62 0.19
N ARG B 222 4.21 -2.42 0.26
CA ARG B 222 3.31 -3.00 -0.74
C ARG B 222 3.67 -2.47 -2.12
N HIS B 223 3.93 -1.17 -2.20
CA HIS B 223 4.31 -0.55 -3.46
C HIS B 223 5.59 -1.17 -4.04
N MET B 224 6.57 -1.37 -3.17
CA MET B 224 7.84 -1.96 -3.61
C MET B 224 7.64 -3.38 -4.10
N SER B 225 6.81 -4.14 -3.39
CA SER B 225 6.51 -5.50 -3.80
C SER B 225 5.85 -5.54 -5.18
N ASN B 226 4.88 -4.66 -5.42
CA ASN B 226 4.28 -4.54 -6.74
C ASN B 226 5.34 -4.28 -7.81
N LYS B 227 6.23 -3.33 -7.56
CA LYS B 227 7.27 -2.99 -8.51
C LYS B 227 8.26 -4.14 -8.68
N GLY B 228 8.59 -4.81 -7.59
CA GLY B 228 9.52 -5.92 -7.63
C GLY B 228 8.95 -7.10 -8.38
N MET B 229 7.65 -7.29 -8.28
CA MET B 229 6.95 -8.40 -8.93
C MET B 229 6.97 -8.24 -10.45
N GLU B 230 6.77 -7.01 -10.92
CA GLU B 230 6.81 -6.75 -12.35
C GLU B 230 8.24 -6.90 -12.87
N HIS B 231 9.22 -6.49 -12.06
CA HIS B 231 10.62 -6.60 -12.45
C HIS B 231 11.02 -8.07 -12.59
N LEU B 232 10.55 -8.89 -11.67
CA LEU B 232 10.85 -10.32 -11.69
C LEU B 232 10.20 -11.00 -12.88
N TYR B 233 8.99 -10.59 -13.22
CA TYR B 233 8.25 -11.19 -14.33
C TYR B 233 8.95 -10.92 -15.66
N SER B 234 9.49 -9.71 -15.80
CA SER B 234 10.16 -9.34 -17.03
C SER B 234 11.51 -10.04 -17.12
N MET B 235 12.08 -10.39 -15.98
CA MET B 235 13.31 -11.17 -15.98
C MET B 235 13.00 -12.60 -16.44
N LYS B 236 11.90 -13.15 -15.95
CA LYS B 236 11.46 -14.47 -16.42
C LYS B 236 11.26 -14.47 -17.93
N CYS B 237 10.77 -13.36 -18.46
CA CYS B 237 10.47 -13.27 -19.89
C CYS B 237 11.74 -13.23 -20.74
N LYS B 238 12.70 -12.38 -20.37
CA LYS B 238 14.00 -12.36 -21.05
C LYS B 238 14.66 -13.73 -21.00
N ASN B 239 14.18 -14.57 -20.08
CA ASN B 239 14.80 -15.87 -19.80
C ASN B 239 16.29 -15.74 -19.57
N VAL B 241 17.68 -15.63 -16.47
CA VAL B 241 18.13 -16.42 -15.33
C VAL B 241 17.06 -17.44 -14.96
N PRO B 242 17.48 -18.70 -14.71
CA PRO B 242 16.47 -19.71 -14.38
C PRO B 242 15.81 -19.45 -13.05
N LEU B 243 14.52 -19.77 -12.98
CA LEU B 243 13.77 -19.62 -11.75
C LEU B 243 13.27 -20.96 -11.26
N SER B 244 13.30 -21.13 -9.94
CA SER B 244 12.81 -22.36 -9.36
C SER B 244 11.32 -22.49 -9.64
N ASP B 245 10.83 -23.72 -9.55
CA ASP B 245 9.42 -23.99 -9.70
C ASP B 245 8.59 -23.23 -8.68
N LEU B 246 9.07 -23.19 -7.46
CA LEU B 246 8.38 -22.50 -6.39
C LEU B 246 8.31 -21.01 -6.69
N LEU B 247 9.46 -20.44 -6.98
CA LEU B 247 9.55 -19.04 -7.32
C LEU B 247 8.65 -18.72 -8.51
N LEU B 248 8.58 -19.65 -9.46
CA LEU B 248 7.74 -19.47 -10.64
C LEU B 248 6.25 -19.40 -10.32
N GLU B 249 5.77 -20.27 -9.44
CA GLU B 249 4.34 -20.26 -9.13
C GLU B 249 3.98 -19.09 -8.22
N MET B 250 4.87 -18.69 -7.31
CA MET B 250 4.65 -17.45 -6.55
C MET B 250 4.46 -16.30 -7.51
N LEU B 251 5.36 -16.23 -8.49
CA LEU B 251 5.31 -15.20 -9.51
C LEU B 251 3.99 -15.24 -10.26
N ASP B 252 3.58 -16.46 -10.63
CA ASP B 252 2.41 -16.71 -11.46
C ASP B 252 1.10 -16.28 -10.82
N ALA B 253 0.98 -16.49 -9.51
CA ALA B 253 -0.22 -16.13 -8.77
C ALA B 253 -0.51 -14.63 -8.83
N HIS B 254 0.49 -13.83 -9.14
CA HIS B 254 0.28 -12.39 -9.23
C HIS B 254 -0.12 -12.01 -10.65
N ARG B 255 -0.24 -13.02 -11.49
CA ARG B 255 -0.62 -12.88 -12.91
C ARG B 255 0.03 -11.67 -13.57
N HIS C 2 8.83 21.69 -19.18
CA HIS C 2 8.39 21.14 -17.92
C HIS C 2 7.16 20.26 -18.16
N LYS C 3 6.65 19.69 -17.09
CA LYS C 3 5.48 18.88 -17.11
C LYS C 3 4.29 19.82 -17.00
N LEU C 5 1.63 19.55 -15.40
CA LEU C 5 1.26 19.72 -14.01
C LEU C 5 1.89 20.81 -13.40
N HIS C 6 3.25 21.00 -13.57
CA HIS C 6 4.08 22.08 -13.05
C HIS C 6 3.52 23.33 -13.34
N ARG C 7 2.93 23.61 -14.55
CA ARG C 7 2.31 24.89 -14.89
C ARG C 7 1.03 25.01 -14.35
N LEU C 9 -0.31 23.81 -11.81
CA LEU C 9 -0.29 24.03 -10.35
C LEU C 9 -0.19 25.53 -9.99
N GLN C 10 0.37 26.29 -10.88
CA GLN C 10 0.55 27.73 -10.69
C GLN C 10 -0.69 28.58 -11.04
N ASP C 11 -1.69 28.03 -11.68
CA ASP C 11 -2.92 28.70 -12.05
C ASP C 11 -3.84 28.81 -10.86
N SER C 12 -4.39 29.98 -10.63
CA SER C 12 -5.32 30.18 -9.51
C SER C 12 -6.69 30.33 -10.09
C HIS D 2 -1.91 -26.56 -6.67
N LYS D 3 -0.76 -26.43 -5.99
CA LYS D 3 0.54 -26.22 -6.61
C LYS D 3 1.54 -26.74 -5.65
N LEU D 5 3.49 -25.27 -3.48
CA LEU D 5 3.20 -24.60 -2.21
C LEU D 5 2.25 -25.23 -1.50
N HIS D 6 1.34 -25.91 -2.18
CA HIS D 6 0.29 -26.61 -1.53
C HIS D 6 0.83 -27.62 -0.82
N ARG D 7 1.98 -28.27 -1.27
CA ARG D 7 2.53 -29.36 -0.48
C ARG D 7 3.31 -28.95 0.58
N LEU D 9 3.12 -26.88 2.65
CA LEU D 9 2.36 -26.50 3.82
C LEU D 9 1.87 -27.70 4.55
N GLN D 10 1.96 -28.86 3.92
CA GLN D 10 1.44 -30.05 4.58
C GLN D 10 2.49 -30.96 5.14
N ASP D 11 3.56 -31.18 4.39
CA ASP D 11 4.66 -32.02 4.83
C ASP D 11 5.35 -31.42 6.06
N SER D 12 5.98 -32.32 6.80
#